data_6JQB
#
_entry.id   6JQB
#
_cell.length_a   47.900
_cell.length_b   63.735
_cell.length_c   163.727
_cell.angle_alpha   90.000
_cell.angle_beta   90.000
_cell.angle_gamma   90.000
#
_symmetry.space_group_name_H-M   'P 21 21 21'
#
loop_
_entity.id
_entity.type
_entity.pdbx_description
1 polymer 'Glucan 1,4-alpha-maltotetraohydrolase'
2 non-polymer 1,2-ETHANEDIOL
3 non-polymer 'CALCIUM ION'
4 non-polymer 'ACARBOSE DERIVED HEPTASACCHARIDE'
5 water water
#
_entity_poly.entity_id   1
_entity_poly.type   'polypeptide(L)'
_entity_poly.pdbx_seq_one_letter_code
;DQAGKSPAGVRYHGGDEIILQGFHWNVVREAPNDWYNILRQQASTIAADGFSAIWMPVPWRDFSSWTDGGKSGGGEGYFW
HDFNKNGRYGSDAQLRQAAGALGGAGVKVLYDVVPNHMNRGYPDKEINLPAGQGFWRNDCADPGNYPNDCDDGDRFIGGE
SDLNTGHPQIYGMFRDELANLRSGYGAGGFRFDFVRGYAPERVDSWMSDSADSSFCVGELWKGPSEYPSWDWRNTASWQQ
IIKDWSDRAKCPVFDFALKERMQNGSVADWKHGLNGNPDPRWREVAVTFVDNHDTGYSPGQNGGQHHWALQDGLIRQAYA
YILTSPGTPVVYWSHMYDWGYGDFIRQLIQVRRTAGVRADSAISFHSGYSGLVATVSGSQQTLVVALNSDLANPGQVASG
SFSEAVNASNGQVRVWRSGSGDGGGNDGGEGGLVNVNFRCDNGVTQMGDSVYAVGNVSQLGNWSPASAVRLTDTSSYPTW
KGSIALPDGQNVEWKCLIRNEADATLVRQWQSGGNNQVQAAAGASTSGSF
;
_entity_poly.pdbx_strand_id   A
#
# COMPACT_ATOMS: atom_id res chain seq x y z
N ASP A 1 -16.49 11.68 1.57
CA ASP A 1 -15.97 10.30 1.43
C ASP A 1 -17.07 9.30 1.76
N GLN A 2 -17.18 8.24 0.96
CA GLN A 2 -18.16 7.20 1.18
C GLN A 2 -17.52 5.97 1.80
N ALA A 3 -18.22 5.33 2.73
CA ALA A 3 -17.77 4.09 3.33
C ALA A 3 -18.38 2.92 2.58
N GLY A 4 -18.08 1.71 3.05
CA GLY A 4 -18.73 0.52 2.56
C GLY A 4 -17.81 -0.52 2.00
N LYS A 5 -18.18 -1.78 2.19
CA LYS A 5 -17.44 -2.89 1.60
C LYS A 5 -17.90 -3.13 0.17
N SER A 6 -17.08 -3.89 -0.56
CA SER A 6 -17.39 -4.22 -1.93
C SER A 6 -18.52 -5.23 -1.97
N PRO A 7 -19.04 -5.53 -3.17
CA PRO A 7 -20.08 -6.58 -3.26
C PRO A 7 -19.65 -7.92 -2.71
N ALA A 8 -18.36 -8.20 -2.66
CA ALA A 8 -17.84 -9.45 -2.14
C ALA A 8 -17.38 -9.34 -0.69
N GLY A 9 -17.64 -8.21 -0.04
CA GLY A 9 -17.27 -8.03 1.35
C GLY A 9 -15.85 -7.53 1.57
N VAL A 10 -15.18 -7.06 0.53
CA VAL A 10 -13.80 -6.61 0.64
C VAL A 10 -13.77 -5.18 1.16
N ARG A 11 -12.85 -4.91 2.08
CA ARG A 11 -12.85 -3.66 2.84
C ARG A 11 -12.10 -2.54 2.11
N TYR A 12 -12.70 -2.10 1.00
CA TYR A 12 -12.15 -1.01 0.20
C TYR A 12 -12.73 0.38 0.54
N HIS A 13 -13.44 0.51 1.66
CA HIS A 13 -14.01 1.77 2.16
C HIS A 13 -14.59 2.64 1.03
N GLY A 14 -15.60 2.09 0.38
CA GLY A 14 -16.33 2.81 -0.65
C GLY A 14 -15.67 2.86 -2.01
N GLY A 15 -14.43 2.41 -2.13
CA GLY A 15 -13.74 2.44 -3.41
C GLY A 15 -13.21 3.78 -3.83
N ASP A 16 -13.34 4.79 -2.98
CA ASP A 16 -13.03 6.17 -3.32
C ASP A 16 -11.82 6.72 -2.59
N GLU A 17 -10.97 5.86 -2.04
CA GLU A 17 -9.81 6.35 -1.32
C GLU A 17 -8.73 6.82 -2.30
N ILE A 18 -8.00 7.84 -1.87
CA ILE A 18 -6.78 8.32 -2.54
C ILE A 18 -5.77 8.47 -1.41
N ILE A 19 -4.73 7.66 -1.41
CA ILE A 19 -3.91 7.45 -0.22
C ILE A 19 -2.54 8.07 -0.41
N LEU A 20 -2.02 8.68 0.65
CA LEU A 20 -0.63 9.12 0.72
C LEU A 20 0.15 8.13 1.59
N GLN A 21 1.25 7.60 1.07
CA GLN A 21 2.22 6.92 1.94
C GLN A 21 2.96 8.00 2.70
N GLY A 22 2.77 8.04 4.03
CA GLY A 22 3.16 9.18 4.83
C GLY A 22 4.56 9.15 5.40
N PHE A 23 5.49 8.50 4.71
CA PHE A 23 6.87 8.39 5.16
C PHE A 23 7.70 7.85 4.01
N HIS A 24 9.00 7.97 4.15
CA HIS A 24 9.98 7.26 3.33
C HIS A 24 10.91 6.49 4.25
N TRP A 25 11.80 5.69 3.66
CA TRP A 25 12.58 4.74 4.45
C TRP A 25 13.49 5.41 5.46
N ASN A 26 14.01 6.59 5.15
CA ASN A 26 15.03 7.21 5.99
C ASN A 26 14.50 8.28 6.94
N VAL A 27 13.18 8.34 7.11
CA VAL A 27 12.61 9.36 7.99
C VAL A 27 13.23 9.34 9.39
N VAL A 28 13.42 8.16 9.97
CA VAL A 28 13.92 8.13 11.34
C VAL A 28 15.31 8.74 11.46
N ARG A 29 16.07 8.75 10.37
CA ARG A 29 17.41 9.33 10.34
C ARG A 29 17.40 10.79 9.88
N GLU A 30 16.52 11.12 8.93
CA GLU A 30 16.49 12.46 8.37
C GLU A 30 15.78 13.46 9.28
N ALA A 31 14.82 13.01 10.08
CA ALA A 31 14.05 13.88 10.97
C ALA A 31 13.94 13.22 12.33
N PRO A 32 15.05 13.10 13.05
CA PRO A 32 15.07 12.29 14.27
C PRO A 32 13.99 12.74 15.25
N ASN A 33 13.18 11.77 15.66
CA ASN A 33 12.16 11.98 16.70
C ASN A 33 11.20 13.12 16.39
N ASP A 34 10.99 13.43 15.12
CA ASP A 34 10.20 14.59 14.76
C ASP A 34 9.15 14.34 13.70
N TRP A 35 8.99 13.10 13.23
CA TRP A 35 8.11 12.88 12.09
C TRP A 35 6.65 13.14 12.43
N TYR A 36 6.17 12.66 13.58
CA TYR A 36 4.79 12.93 13.94
C TYR A 36 4.52 14.43 14.04
N ASN A 37 5.50 15.19 14.55
CA ASN A 37 5.36 16.64 14.58
C ASN A 37 5.23 17.20 13.17
N ILE A 38 6.04 16.71 12.25
CA ILE A 38 5.96 17.16 10.87
C ILE A 38 4.59 16.82 10.28
N LEU A 39 4.11 15.59 10.51
CA LEU A 39 2.82 15.21 9.95
C LEU A 39 1.69 16.06 10.54
N ARG A 40 1.74 16.37 11.82
CA ARG A 40 0.76 17.28 12.42
C ARG A 40 0.77 18.61 11.69
N GLN A 41 1.96 19.16 11.45
CA GLN A 41 2.07 20.46 10.80
C GLN A 41 1.62 20.42 9.35
N GLN A 42 1.73 19.27 8.71
CA GLN A 42 1.40 19.13 7.30
C GLN A 42 -0.02 18.61 7.07
N ALA A 43 -0.77 18.33 8.12
CA ALA A 43 -2.07 17.69 7.96
C ALA A 43 -3.00 18.49 7.06
N SER A 44 -3.06 19.82 7.26
CA SER A 44 -3.95 20.61 6.44
C SER A 44 -3.51 20.65 4.98
N THR A 45 -2.20 20.60 4.72
CA THR A 45 -1.70 20.54 3.35
C THR A 45 -2.05 19.21 2.69
N ILE A 46 -1.85 18.12 3.42
CA ILE A 46 -2.18 16.79 2.91
C ILE A 46 -3.65 16.74 2.52
N ALA A 47 -4.52 17.27 3.37
CA ALA A 47 -5.94 17.30 3.05
C ALA A 47 -6.23 18.19 1.84
N ALA A 48 -5.62 19.37 1.80
CA ALA A 48 -5.85 20.28 0.68
C ALA A 48 -5.39 19.68 -0.64
N ASP A 49 -4.36 18.84 -0.60
CA ASP A 49 -3.83 18.17 -1.79
C ASP A 49 -4.77 17.10 -2.30
N GLY A 50 -5.78 16.71 -1.53
CA GLY A 50 -6.81 15.83 -2.01
C GLY A 50 -6.75 14.41 -1.51
N PHE A 51 -5.88 14.10 -0.56
CA PHE A 51 -5.79 12.76 -0.02
C PHE A 51 -6.94 12.51 0.94
N SER A 52 -7.50 11.30 0.88
CA SER A 52 -8.51 10.87 1.83
C SER A 52 -7.93 10.05 2.98
N ALA A 53 -6.68 9.61 2.86
CA ALA A 53 -6.11 8.70 3.84
C ALA A 53 -4.60 8.84 3.78
N ILE A 54 -3.95 8.48 4.89
CA ILE A 54 -2.50 8.48 5.01
C ILE A 54 -2.08 7.16 5.64
N TRP A 55 -1.13 6.49 5.00
CA TRP A 55 -0.48 5.30 5.53
C TRP A 55 0.67 5.76 6.42
N MET A 56 0.51 5.55 7.70
CA MET A 56 1.43 5.95 8.74
C MET A 56 2.50 4.89 8.92
N PRO A 57 3.69 5.26 9.38
CA PRO A 57 4.69 4.24 9.69
C PRO A 57 4.24 3.34 10.84
N VAL A 58 4.92 2.21 10.97
CA VAL A 58 4.58 1.29 12.05
C VAL A 58 4.67 2.07 13.37
N PRO A 59 3.64 2.05 14.22
CA PRO A 59 3.67 2.89 15.42
C PRO A 59 4.35 2.24 16.61
N TRP A 60 4.71 0.97 16.50
CA TRP A 60 5.35 0.22 17.56
C TRP A 60 6.85 0.49 17.58
N ARG A 61 7.39 0.83 18.74
CA ARG A 61 8.76 1.32 18.77
C ARG A 61 9.75 0.23 18.34
N ASP A 62 10.79 0.67 17.62
CA ASP A 62 11.79 -0.18 17.00
C ASP A 62 13.13 0.52 17.22
N PHE A 63 14.00 -0.09 18.03
CA PHE A 63 15.34 0.41 18.29
C PHE A 63 16.40 -0.54 17.74
N SER A 64 16.03 -1.33 16.74
CA SER A 64 16.96 -2.25 16.09
C SER A 64 17.99 -1.49 15.26
N SER A 65 19.10 -2.17 14.98
CA SER A 65 20.18 -1.59 14.20
C SER A 65 20.98 -2.72 13.56
N TRP A 66 21.32 -2.54 12.28
CA TRP A 66 22.12 -3.53 11.57
C TRP A 66 23.06 -2.85 10.59
N THR A 67 24.13 -3.56 10.26
CA THR A 67 25.06 -3.17 9.21
C THR A 67 25.32 -4.36 8.29
N LYS A 71 25.97 -1.05 3.77
CA LYS A 71 24.59 -0.66 4.05
C LYS A 71 24.31 -0.76 5.53
N SER A 72 23.31 -0.01 5.99
CA SER A 72 22.93 0.00 7.39
C SER A 72 21.48 0.44 7.51
N GLY A 73 20.86 0.10 8.63
CA GLY A 73 19.49 0.48 8.86
C GLY A 73 19.04 0.09 10.24
N GLY A 74 17.73 0.25 10.45
CA GLY A 74 17.11 -0.06 11.72
C GLY A 74 16.22 1.05 12.21
N GLY A 75 15.29 0.71 13.09
CA GLY A 75 14.46 1.69 13.75
C GLY A 75 13.21 2.08 13.00
N GLU A 76 13.01 1.56 11.79
CA GLU A 76 11.94 2.04 10.92
C GLU A 76 10.56 1.49 11.29
N GLY A 77 10.50 0.48 12.14
CA GLY A 77 9.25 -0.07 12.62
C GLY A 77 9.05 -1.54 12.35
N TYR A 78 9.74 -2.09 11.36
CA TYR A 78 9.52 -3.47 10.91
C TYR A 78 10.24 -4.48 11.78
N PHE A 79 11.00 -4.05 12.78
CA PHE A 79 11.58 -4.95 13.78
C PHE A 79 11.31 -4.37 15.17
N TRP A 80 10.05 -4.00 15.40
CA TRP A 80 9.58 -3.49 16.67
C TRP A 80 9.79 -4.50 17.79
N HIS A 81 9.96 -3.98 19.02
CA HIS A 81 10.11 -4.85 20.18
C HIS A 81 8.92 -4.85 21.14
N ASP A 82 8.05 -3.85 21.10
CA ASP A 82 6.77 -3.89 21.80
C ASP A 82 5.87 -2.82 21.20
N PHE A 83 4.67 -2.68 21.77
CA PHE A 83 3.68 -1.78 21.23
C PHE A 83 3.79 -0.36 21.76
N ASN A 84 4.74 -0.08 22.64
CA ASN A 84 4.92 1.27 23.16
C ASN A 84 5.12 2.23 21.99
N LYS A 85 4.43 3.37 22.01
CA LYS A 85 4.41 4.28 20.88
C LYS A 85 5.56 5.28 20.90
N ASN A 86 6.39 5.28 21.94
CA ASN A 86 7.52 6.20 22.04
C ASN A 86 8.71 5.64 21.30
N GLY A 87 8.66 5.76 19.98
CA GLY A 87 9.69 5.23 19.12
C GLY A 87 10.39 6.33 18.35
N ARG A 88 10.96 5.98 17.19
CA ARG A 88 11.84 6.90 16.48
C ARG A 88 11.10 7.90 15.60
N TYR A 89 9.77 7.82 15.50
CA TYR A 89 8.97 8.78 14.78
C TYR A 89 8.46 9.91 15.68
N GLY A 90 8.52 9.74 17.00
CA GLY A 90 7.97 10.69 17.94
C GLY A 90 7.36 9.98 19.13
N SER A 91 6.84 10.77 20.05
CA SER A 91 6.28 10.26 21.28
C SER A 91 4.82 9.82 21.09
N ASP A 92 4.31 9.11 22.10
CA ASP A 92 2.89 8.78 22.16
C ASP A 92 2.03 10.02 22.04
N ALA A 93 2.35 11.06 22.80
CA ALA A 93 1.56 12.29 22.76
C ALA A 93 1.60 12.91 21.36
N GLN A 94 2.78 12.91 20.72
CA GLN A 94 2.88 13.47 19.38
C GLN A 94 2.10 12.64 18.37
N LEU A 95 2.07 11.32 18.55
CA LEU A 95 1.27 10.50 17.64
C LEU A 95 -0.20 10.86 17.77
N ARG A 96 -0.69 10.98 19.01
CA ARG A 96 -2.08 11.34 19.20
C ARG A 96 -2.38 12.70 18.58
N GLN A 97 -1.46 13.66 18.72
CA GLN A 97 -1.67 14.98 18.12
C GLN A 97 -1.73 14.88 16.59
N ALA A 98 -0.84 14.08 15.98
CA ALA A 98 -0.82 13.96 14.54
C ALA A 98 -2.08 13.28 14.04
N ALA A 99 -2.46 12.16 14.67
CA ALA A 99 -3.65 11.45 14.24
C ALA A 99 -4.88 12.33 14.40
N GLY A 100 -4.94 13.12 15.47
CA GLY A 100 -6.06 14.04 15.66
C GLY A 100 -6.12 15.11 14.60
N ALA A 101 -4.96 15.67 14.22
CA ALA A 101 -4.93 16.70 13.21
C ALA A 101 -5.30 16.15 11.84
N LEU A 102 -4.79 14.98 11.51
CA LEU A 102 -5.11 14.36 10.23
C LEU A 102 -6.59 14.04 10.15
N GLY A 103 -7.13 13.37 11.18
CA GLY A 103 -8.54 13.07 11.19
C GLY A 103 -9.42 14.31 11.17
N GLY A 104 -9.02 15.34 11.92
CA GLY A 104 -9.77 16.58 11.92
C GLY A 104 -9.84 17.22 10.55
N ALA A 105 -8.82 16.99 9.73
CA ALA A 105 -8.76 17.52 8.38
C ALA A 105 -9.41 16.58 7.36
N GLY A 106 -9.99 15.48 7.81
CA GLY A 106 -10.64 14.54 6.90
C GLY A 106 -9.73 13.52 6.28
N VAL A 107 -8.56 13.28 6.85
CA VAL A 107 -7.60 12.31 6.32
C VAL A 107 -7.60 11.12 7.27
N LYS A 108 -8.11 9.97 6.81
CA LYS A 108 -8.13 8.80 7.67
C LYS A 108 -6.73 8.26 7.86
N VAL A 109 -6.48 7.71 9.04
CA VAL A 109 -5.15 7.32 9.50
C VAL A 109 -5.03 5.82 9.42
N LEU A 110 -4.16 5.32 8.54
CA LEU A 110 -3.97 3.89 8.34
C LEU A 110 -2.62 3.50 8.93
N TYR A 111 -2.61 2.61 9.92
CA TYR A 111 -1.34 2.21 10.52
C TYR A 111 -0.77 0.97 9.84
N ASP A 112 0.53 1.04 9.54
CA ASP A 112 1.33 -0.12 9.17
C ASP A 112 1.47 -1.01 10.40
N VAL A 113 1.09 -2.28 10.28
CA VAL A 113 1.17 -3.23 11.37
C VAL A 113 1.91 -4.47 10.88
N VAL A 114 2.67 -5.08 11.80
CA VAL A 114 3.71 -6.06 11.48
C VAL A 114 3.50 -7.28 12.36
N PRO A 115 2.52 -8.14 12.06
CA PRO A 115 2.25 -9.27 12.95
C PRO A 115 3.22 -10.44 12.80
N ASN A 116 3.99 -10.49 11.73
CA ASN A 116 4.71 -11.72 11.43
C ASN A 116 5.81 -12.03 12.44
N HIS A 117 6.45 -11.01 12.97
CA HIS A 117 7.68 -11.17 13.74
C HIS A 117 7.83 -9.96 14.65
N MET A 118 8.78 -10.06 15.59
CA MET A 118 9.14 -8.96 16.46
C MET A 118 10.61 -9.14 16.82
N ASN A 119 11.17 -8.09 17.42
CA ASN A 119 12.58 -8.11 17.85
C ASN A 119 12.70 -8.90 19.15
N ARG A 120 12.67 -10.22 19.01
CA ARG A 120 12.64 -11.16 20.14
C ARG A 120 13.82 -10.99 21.05
N GLY A 121 14.98 -10.63 20.51
CA GLY A 121 16.17 -10.49 21.30
C GLY A 121 16.40 -9.16 21.96
N TYR A 122 15.52 -8.19 21.78
CA TYR A 122 15.77 -6.86 22.33
C TYR A 122 15.73 -6.92 23.85
N PRO A 123 16.71 -6.34 24.56
CA PRO A 123 16.83 -6.61 26.00
C PRO A 123 15.85 -5.88 26.90
N ASP A 124 15.21 -4.80 26.45
CA ASP A 124 14.36 -3.98 27.31
C ASP A 124 13.02 -3.76 26.60
N LYS A 125 12.04 -4.62 26.90
CA LYS A 125 10.77 -4.56 26.18
C LYS A 125 9.64 -5.03 27.08
N GLU A 126 8.42 -4.64 26.67
CA GLU A 126 7.20 -4.91 27.42
C GLU A 126 6.57 -6.25 27.09
N ILE A 127 6.96 -6.87 25.98
CA ILE A 127 6.40 -8.13 25.52
C ILE A 127 7.51 -9.16 25.55
N ASN A 128 7.40 -10.12 26.46
CA ASN A 128 8.44 -11.14 26.66
C ASN A 128 7.75 -12.50 26.61
N LEU A 129 7.85 -13.16 25.46
CA LEU A 129 7.19 -14.44 25.25
C LEU A 129 8.24 -15.53 25.31
N PRO A 130 8.18 -16.43 26.30
CA PRO A 130 9.20 -17.48 26.40
C PRO A 130 9.07 -18.50 25.29
N ALA A 131 10.10 -19.34 25.18
CA ALA A 131 10.04 -20.49 24.31
C ALA A 131 9.27 -21.63 24.98
N GLY A 132 8.90 -22.62 24.17
CA GLY A 132 8.36 -23.86 24.70
C GLY A 132 6.87 -23.88 24.93
N GLN A 133 6.16 -22.82 24.54
CA GLN A 133 4.71 -22.75 24.74
C GLN A 133 3.96 -22.59 23.42
N GLY A 134 4.65 -22.68 22.30
CA GLY A 134 3.99 -22.53 21.01
C GLY A 134 3.82 -21.10 20.54
N PHE A 135 4.44 -20.13 21.20
CA PHE A 135 4.29 -18.75 20.79
C PHE A 135 5.10 -18.39 19.55
N TRP A 136 6.10 -19.18 19.20
CA TRP A 136 7.09 -18.86 18.19
C TRP A 136 7.14 -19.93 17.11
N ARG A 137 7.39 -19.50 15.88
CA ARG A 137 7.57 -20.44 14.78
C ARG A 137 8.57 -21.54 15.14
N ASN A 138 9.71 -21.16 15.72
CA ASN A 138 10.77 -22.13 15.95
C ASN A 138 10.60 -22.92 17.24
N ASP A 139 9.43 -22.85 17.87
CA ASP A 139 9.04 -23.87 18.84
C ASP A 139 8.72 -25.19 18.14
N CYS A 140 8.61 -25.19 16.82
CA CYS A 140 8.36 -26.37 16.01
C CYS A 140 9.52 -26.54 15.04
N ALA A 141 9.70 -27.77 14.54
CA ALA A 141 10.70 -28.02 13.52
C ALA A 141 10.51 -27.04 12.37
N ASP A 142 11.62 -26.51 11.86
CA ASP A 142 11.62 -25.47 10.83
C ASP A 142 12.56 -25.89 9.71
N PRO A 143 12.07 -26.69 8.76
CA PRO A 143 12.93 -27.19 7.68
C PRO A 143 13.09 -26.25 6.49
N GLY A 144 12.41 -25.13 6.44
CA GLY A 144 12.54 -24.25 5.29
C GLY A 144 11.54 -23.11 5.35
N ASN A 145 11.62 -22.24 4.34
CA ASN A 145 10.77 -21.06 4.29
C ASN A 145 9.41 -21.42 3.69
N TYR A 146 8.56 -21.95 4.54
CA TYR A 146 7.18 -22.28 4.19
C TYR A 146 6.47 -22.62 5.50
N PRO A 147 5.17 -22.82 5.50
CA PRO A 147 4.46 -23.03 6.77
C PRO A 147 5.00 -24.23 7.54
N ASN A 148 4.99 -24.09 8.87
CA ASN A 148 5.29 -25.21 9.76
C ASN A 148 4.21 -25.33 10.82
N ASP A 149 4.43 -26.18 11.83
CA ASP A 149 3.37 -26.47 12.80
C ASP A 149 3.14 -25.33 13.78
N CYS A 150 3.97 -24.30 13.76
CA CYS A 150 3.83 -23.14 14.64
C CYS A 150 3.70 -21.83 13.86
N ASP A 151 3.44 -21.90 12.57
CA ASP A 151 3.43 -20.70 11.72
C ASP A 151 2.80 -21.07 10.39
N ASP A 152 1.57 -20.64 10.13
CA ASP A 152 0.88 -21.05 8.92
C ASP A 152 1.21 -20.19 7.70
N GLY A 153 2.30 -19.42 7.76
CA GLY A 153 2.81 -18.75 6.57
C GLY A 153 4.32 -18.87 6.47
N ASP A 154 4.90 -18.04 5.59
CA ASP A 154 6.33 -18.01 5.35
C ASP A 154 7.03 -17.38 6.54
N ARG A 155 8.36 -17.44 6.55
CA ARG A 155 9.15 -16.88 7.64
C ARG A 155 9.98 -15.70 7.13
N PHE A 156 10.34 -14.83 8.08
CA PHE A 156 11.18 -13.67 7.80
C PHE A 156 12.63 -14.10 8.02
N ILE A 157 13.39 -14.12 6.92
CA ILE A 157 14.78 -14.56 6.89
C ILE A 157 14.90 -15.95 7.51
N GLY A 158 15.64 -16.09 8.60
CA GLY A 158 15.82 -17.40 9.21
C GLY A 158 14.66 -17.89 10.05
N GLY A 159 13.70 -17.03 10.34
CA GLY A 159 12.49 -17.42 11.04
C GLY A 159 12.55 -17.41 12.55
N GLU A 160 13.71 -17.09 13.13
CA GLU A 160 13.88 -17.20 14.58
C GLU A 160 13.09 -16.15 15.35
N SER A 161 12.54 -15.15 14.66
CA SER A 161 11.74 -14.11 15.29
C SER A 161 10.29 -14.15 14.84
N ASP A 162 9.90 -15.16 14.04
CA ASP A 162 8.51 -15.25 13.60
C ASP A 162 7.62 -15.71 14.76
N LEU A 163 6.50 -15.03 14.91
CA LEU A 163 5.51 -15.36 15.92
C LEU A 163 4.50 -16.37 15.38
N ASN A 164 3.95 -17.18 16.28
CA ASN A 164 2.85 -18.08 15.91
C ASN A 164 1.57 -17.26 16.02
N THR A 165 1.22 -16.54 14.96
CA THR A 165 0.09 -15.62 15.02
C THR A 165 -1.24 -16.33 15.21
N GLY A 166 -1.29 -17.63 14.90
CA GLY A 166 -2.47 -18.43 15.12
C GLY A 166 -2.65 -18.97 16.51
N HIS A 167 -1.63 -18.90 17.35
CA HIS A 167 -1.80 -19.23 18.76
C HIS A 167 -2.81 -18.27 19.37
N PRO A 168 -3.79 -18.75 20.12
CA PRO A 168 -4.85 -17.82 20.60
C PRO A 168 -4.33 -16.64 21.38
N GLN A 169 -3.27 -16.81 22.17
CA GLN A 169 -2.76 -15.68 22.94
C GLN A 169 -2.15 -14.63 22.01
N ILE A 170 -1.45 -15.07 20.98
CA ILE A 170 -0.79 -14.15 20.07
C ILE A 170 -1.83 -13.48 19.16
N TYR A 171 -2.78 -14.27 18.65
CA TYR A 171 -3.88 -13.70 17.88
C TYR A 171 -4.54 -12.58 18.69
N GLY A 172 -4.84 -12.87 19.96
CA GLY A 172 -5.53 -11.90 20.79
C GLY A 172 -4.70 -10.68 21.09
N MET A 173 -3.39 -10.87 21.26
CA MET A 173 -2.50 -9.74 21.50
C MET A 173 -2.59 -8.73 20.35
N PHE A 174 -2.54 -9.23 19.11
CA PHE A 174 -2.67 -8.32 17.97
C PHE A 174 -4.08 -7.78 17.83
N ARG A 175 -5.10 -8.61 18.06
CA ARG A 175 -6.48 -8.12 18.02
C ARG A 175 -6.66 -6.94 18.94
N ASP A 176 -6.18 -7.06 20.18
CA ASP A 176 -6.36 -6.00 21.16
C ASP A 176 -5.56 -4.76 20.79
N GLU A 177 -4.38 -4.92 20.19
CA GLU A 177 -3.60 -3.75 19.80
C GLU A 177 -4.24 -3.02 18.62
N LEU A 178 -4.83 -3.75 17.67
CA LEU A 178 -5.58 -3.09 16.61
C LEU A 178 -6.74 -2.28 17.20
N ALA A 179 -7.42 -2.83 18.22
CA ALA A 179 -8.48 -2.08 18.87
C ALA A 179 -7.93 -0.82 19.55
N ASN A 180 -6.77 -0.94 20.20
CA ASN A 180 -6.11 0.21 20.81
C ASN A 180 -5.83 1.29 19.76
N LEU A 181 -5.28 0.88 18.62
CA LEU A 181 -4.96 1.84 17.56
C LEU A 181 -6.22 2.53 17.04
N ARG A 182 -7.33 1.80 16.93
CA ARG A 182 -8.59 2.39 16.49
C ARG A 182 -9.18 3.35 17.52
N SER A 183 -8.82 3.20 18.77
CA SER A 183 -9.34 4.03 19.85
C SER A 183 -8.44 5.26 20.02
N GLY A 184 -7.47 5.21 20.93
CA GLY A 184 -6.69 6.38 21.26
C GLY A 184 -5.86 6.94 20.11
N TYR A 185 -5.57 6.15 19.09
CA TYR A 185 -4.71 6.57 17.99
C TYR A 185 -5.48 6.83 16.71
N GLY A 186 -6.81 6.80 16.79
CA GLY A 186 -7.65 7.28 15.70
C GLY A 186 -7.55 6.52 14.39
N ALA A 187 -7.24 5.24 14.43
CA ALA A 187 -7.03 4.50 13.19
C ALA A 187 -8.31 4.43 12.38
N GLY A 188 -8.18 4.64 11.08
CA GLY A 188 -9.22 4.39 10.12
C GLY A 188 -9.02 3.13 9.31
N GLY A 189 -8.01 2.35 9.64
CA GLY A 189 -7.68 1.15 8.90
C GLY A 189 -6.20 0.83 9.10
N PHE A 190 -5.75 -0.16 8.33
CA PHE A 190 -4.44 -0.76 8.53
C PHE A 190 -3.83 -1.22 7.23
N ARG A 191 -2.51 -1.15 7.17
CA ARG A 191 -1.69 -1.75 6.13
C ARG A 191 -0.96 -2.93 6.78
N PHE A 192 -1.26 -4.13 6.30
CA PHE A 192 -0.67 -5.35 6.86
C PHE A 192 0.61 -5.70 6.13
N ASP A 193 1.70 -5.78 6.89
CA ASP A 193 3.02 -6.07 6.38
C ASP A 193 3.24 -7.57 6.18
N PHE A 194 3.97 -7.93 5.12
CA PHE A 194 4.49 -9.29 4.98
C PHE A 194 3.37 -10.32 5.11
N VAL A 195 2.30 -10.15 4.32
CA VAL A 195 1.12 -10.99 4.53
C VAL A 195 1.36 -12.43 4.08
N ARG A 196 2.42 -12.68 3.31
CA ARG A 196 2.87 -14.03 3.02
C ARG A 196 3.25 -14.79 4.29
N GLY A 197 3.46 -14.08 5.40
CA GLY A 197 3.95 -14.70 6.61
C GLY A 197 2.94 -15.36 7.52
N TYR A 198 1.65 -15.24 7.24
CA TYR A 198 0.59 -15.73 8.12
C TYR A 198 -0.69 -15.83 7.28
N ALA A 199 -1.68 -16.55 7.79
CA ALA A 199 -2.85 -16.86 6.99
C ALA A 199 -3.63 -15.62 6.58
N PRO A 200 -4.10 -15.54 5.33
CA PRO A 200 -4.97 -14.40 4.96
C PRO A 200 -6.24 -14.36 5.78
N GLU A 201 -6.80 -15.52 6.12
CA GLU A 201 -8.02 -15.55 6.90
C GLU A 201 -7.84 -14.90 8.27
N ARG A 202 -6.62 -14.87 8.78
CA ARG A 202 -6.37 -14.22 10.06
C ARG A 202 -6.52 -12.71 9.94
N VAL A 203 -6.15 -12.14 8.81
CA VAL A 203 -6.38 -10.72 8.58
C VAL A 203 -7.88 -10.43 8.55
N ASP A 204 -8.67 -11.28 7.88
CA ASP A 204 -10.11 -11.12 7.90
C ASP A 204 -10.63 -11.15 9.33
N SER A 205 -10.13 -12.08 10.13
CA SER A 205 -10.59 -12.20 11.50
C SER A 205 -10.20 -10.97 12.33
N TRP A 206 -8.96 -10.52 12.20
CA TRP A 206 -8.52 -9.34 12.96
C TRP A 206 -9.38 -8.13 12.61
N MET A 207 -9.61 -7.93 11.31
CA MET A 207 -10.43 -6.78 10.91
C MET A 207 -11.87 -6.95 11.38
N SER A 208 -12.42 -8.16 11.28
CA SER A 208 -13.78 -8.37 11.75
C SER A 208 -13.90 -8.07 13.24
N ASP A 209 -12.89 -8.46 14.01
CA ASP A 209 -12.95 -8.28 15.45
C ASP A 209 -12.76 -6.82 15.85
N SER A 210 -11.84 -6.11 15.20
CA SER A 210 -11.38 -4.84 15.73
C SER A 210 -11.62 -3.63 14.84
N ALA A 211 -11.95 -3.81 13.57
CA ALA A 211 -12.09 -2.69 12.65
C ALA A 211 -12.87 -3.08 11.41
N ASP A 212 -14.08 -3.62 11.59
CA ASP A 212 -14.70 -4.34 10.48
C ASP A 212 -15.04 -3.43 9.31
N SER A 213 -15.44 -2.18 9.57
CA SER A 213 -15.84 -1.26 8.52
C SER A 213 -14.71 -0.34 8.06
N SER A 214 -13.49 -0.59 8.53
CA SER A 214 -12.36 0.25 8.18
C SER A 214 -11.78 -0.18 6.84
N PHE A 215 -10.84 0.62 6.34
CA PHE A 215 -10.07 0.27 5.14
C PHE A 215 -8.90 -0.63 5.54
N CYS A 216 -8.56 -1.57 4.67
CA CYS A 216 -7.33 -2.32 4.89
C CYS A 216 -6.62 -2.52 3.57
N VAL A 217 -5.32 -2.81 3.66
CA VAL A 217 -4.58 -3.25 2.49
C VAL A 217 -3.48 -4.20 2.96
N GLY A 218 -3.29 -5.29 2.22
CA GLY A 218 -2.24 -6.24 2.50
C GLY A 218 -1.09 -6.12 1.50
N GLU A 219 0.12 -6.28 2.03
CA GLU A 219 1.33 -6.33 1.22
C GLU A 219 1.74 -7.79 0.98
N LEU A 220 1.33 -8.34 -0.16
CA LEU A 220 1.78 -9.65 -0.63
C LEU A 220 2.71 -9.41 -1.81
N TRP A 221 4.00 -9.55 -1.57
CA TRP A 221 5.03 -9.30 -2.58
C TRP A 221 5.78 -10.60 -2.73
N LYS A 222 5.32 -11.44 -3.65
CA LYS A 222 5.80 -12.81 -3.77
C LYS A 222 5.43 -13.28 -5.17
N GLY A 223 6.43 -13.58 -5.98
CA GLY A 223 6.19 -13.98 -7.35
C GLY A 223 5.91 -15.45 -7.49
N PRO A 224 5.38 -15.85 -8.66
CA PRO A 224 5.01 -17.26 -8.86
C PRO A 224 6.15 -18.23 -8.59
N SER A 225 7.38 -17.87 -8.99
CA SER A 225 8.49 -18.81 -8.83
C SER A 225 8.88 -19.03 -7.37
N GLU A 226 8.35 -18.25 -6.43
CA GLU A 226 8.66 -18.43 -5.02
C GLU A 226 7.78 -19.49 -4.36
N TYR A 227 6.82 -20.00 -5.07
CA TYR A 227 5.96 -21.06 -4.57
C TYR A 227 6.47 -22.42 -5.05
N PRO A 228 6.19 -23.49 -4.31
CA PRO A 228 6.63 -24.82 -4.74
C PRO A 228 6.02 -25.21 -6.08
N SER A 229 6.72 -26.11 -6.78
CA SER A 229 6.30 -26.46 -8.14
C SER A 229 4.91 -27.08 -8.17
N TRP A 230 4.47 -27.68 -7.06
CA TRP A 230 3.17 -28.34 -7.01
C TRP A 230 2.04 -27.42 -6.58
N ASP A 231 2.37 -26.18 -6.19
CA ASP A 231 1.37 -25.20 -5.80
C ASP A 231 0.82 -24.52 -7.04
N TRP A 232 -0.50 -24.37 -7.11
CA TRP A 232 -1.11 -23.77 -8.29
C TRP A 232 -0.54 -22.40 -8.58
N ARG A 233 -0.05 -21.69 -7.55
CA ARG A 233 0.47 -20.35 -7.74
C ARG A 233 1.78 -20.33 -8.51
N ASN A 234 2.49 -21.46 -8.57
CA ASN A 234 3.77 -21.50 -9.27
C ASN A 234 3.61 -21.23 -10.76
N THR A 235 2.46 -21.57 -11.33
CA THR A 235 2.18 -21.33 -12.75
C THR A 235 1.13 -20.25 -12.95
N ALA A 236 0.81 -19.51 -11.90
CA ALA A 236 -0.20 -18.48 -11.96
C ALA A 236 0.43 -17.13 -12.30
N SER A 237 -0.44 -16.18 -12.65
CA SER A 237 0.00 -14.81 -12.87
C SER A 237 0.15 -14.09 -11.53
N TRP A 238 0.91 -13.00 -11.56
CA TRP A 238 0.99 -12.14 -10.39
C TRP A 238 -0.40 -11.70 -9.94
N GLN A 239 -1.29 -11.36 -10.89
CA GLN A 239 -2.65 -10.95 -10.53
C GLN A 239 -3.37 -12.04 -9.75
N GLN A 240 -3.30 -13.27 -10.22
CA GLN A 240 -4.05 -14.34 -9.59
C GLN A 240 -3.60 -14.56 -8.15
N ILE A 241 -2.29 -14.46 -7.93
CA ILE A 241 -1.74 -14.66 -6.60
C ILE A 241 -2.27 -13.62 -5.63
N ILE A 242 -2.21 -12.34 -6.01
CA ILE A 242 -2.65 -11.31 -5.07
C ILE A 242 -4.16 -11.31 -4.93
N LYS A 243 -4.89 -11.61 -6.01
CA LYS A 243 -6.35 -11.68 -5.92
C LYS A 243 -6.79 -12.77 -4.95
N ASP A 244 -6.15 -13.94 -4.99
CA ASP A 244 -6.50 -15.01 -4.07
C ASP A 244 -6.30 -14.57 -2.62
N TRP A 245 -5.21 -13.84 -2.32
CA TRP A 245 -5.02 -13.36 -0.96
C TRP A 245 -6.16 -12.44 -0.56
N SER A 246 -6.52 -11.51 -1.46
CA SER A 246 -7.59 -10.56 -1.18
C SER A 246 -8.91 -11.27 -0.91
N ASP A 247 -9.21 -12.32 -1.69
CA ASP A 247 -10.45 -13.05 -1.50
C ASP A 247 -10.54 -13.59 -0.08
N ARG A 248 -9.43 -14.11 0.44
CA ARG A 248 -9.43 -14.82 1.71
C ARG A 248 -9.31 -13.87 2.90
N ALA A 249 -8.65 -12.73 2.72
CA ALA A 249 -8.53 -11.72 3.78
C ALA A 249 -9.71 -10.76 3.77
N LYS A 250 -10.48 -10.72 2.69
CA LYS A 250 -11.52 -9.70 2.49
C LYS A 250 -10.92 -8.30 2.65
N CYS A 251 -9.71 -8.12 2.11
CA CYS A 251 -8.99 -6.87 2.16
C CYS A 251 -8.41 -6.58 0.78
N PRO A 252 -8.41 -5.31 0.37
CA PRO A 252 -7.61 -4.86 -0.77
C PRO A 252 -6.15 -5.30 -0.65
N VAL A 253 -5.46 -5.33 -1.79
CA VAL A 253 -4.10 -5.88 -1.85
C VAL A 253 -3.27 -4.99 -2.76
N PHE A 254 -2.02 -4.73 -2.37
CA PHE A 254 -1.15 -3.92 -3.22
C PHE A 254 -0.97 -4.57 -4.58
N ASP A 255 -1.07 -3.74 -5.61
CA ASP A 255 -1.01 -4.22 -7.00
C ASP A 255 0.44 -4.39 -7.44
N PHE A 256 1.07 -5.43 -6.90
CA PHE A 256 2.41 -5.79 -7.35
C PHE A 256 2.40 -6.38 -8.75
N ALA A 257 1.24 -6.81 -9.26
CA ALA A 257 1.15 -7.18 -10.66
C ALA A 257 1.41 -5.97 -11.54
N LEU A 258 0.77 -4.85 -11.23
CA LEU A 258 1.03 -3.63 -11.98
C LEU A 258 2.48 -3.18 -11.83
N LYS A 259 3.01 -3.24 -10.61
CA LYS A 259 4.39 -2.83 -10.38
C LYS A 259 5.36 -3.68 -11.20
N GLU A 260 5.12 -5.00 -11.26
CA GLU A 260 5.98 -5.88 -12.02
C GLU A 260 5.95 -5.52 -13.50
N ARG A 261 4.78 -5.15 -14.02
CA ARG A 261 4.69 -4.69 -15.41
C ARG A 261 5.40 -3.35 -15.60
N MET A 262 5.29 -2.43 -14.64
CA MET A 262 5.98 -1.16 -14.77
C MET A 262 7.48 -1.34 -14.79
N GLN A 263 7.99 -2.32 -14.05
CA GLN A 263 9.44 -2.53 -14.02
C GLN A 263 9.92 -3.31 -15.23
N ASN A 264 9.21 -4.35 -15.64
CA ASN A 264 9.73 -5.29 -16.64
C ASN A 264 9.09 -5.16 -18.00
N GLY A 265 7.83 -4.75 -18.07
CA GLY A 265 7.13 -4.62 -19.34
C GLY A 265 7.31 -3.28 -19.97
N SER A 266 6.59 -3.09 -21.08
CA SER A 266 6.47 -1.79 -21.71
C SER A 266 5.28 -1.05 -21.12
N VAL A 267 5.17 0.24 -21.47
CA VAL A 267 4.02 1.03 -21.03
C VAL A 267 2.72 0.40 -21.52
N ALA A 268 2.73 -0.11 -22.76
CA ALA A 268 1.55 -0.78 -23.28
C ALA A 268 1.10 -1.92 -22.38
N ASP A 269 2.04 -2.58 -21.71
CA ASP A 269 1.75 -3.74 -20.88
C ASP A 269 1.26 -3.37 -19.49
N TRP A 270 1.21 -2.09 -19.16
CA TRP A 270 0.68 -1.71 -17.85
C TRP A 270 -0.78 -2.09 -17.69
N LYS A 271 -1.49 -2.34 -18.79
CA LYS A 271 -2.86 -2.80 -18.76
C LYS A 271 -3.02 -4.17 -18.09
N HIS A 272 -1.94 -4.89 -17.83
CA HIS A 272 -1.99 -6.22 -17.24
C HIS A 272 -1.80 -6.22 -15.73
N GLY A 273 -1.89 -5.07 -15.08
CA GLY A 273 -2.00 -5.04 -13.64
C GLY A 273 -3.36 -5.52 -13.16
N LEU A 274 -3.47 -5.80 -11.86
CA LEU A 274 -4.76 -6.19 -11.33
C LEU A 274 -5.79 -5.09 -11.58
N ASN A 275 -5.38 -3.81 -11.49
CA ASN A 275 -6.31 -2.70 -11.63
C ASN A 275 -6.87 -2.53 -13.04
N GLY A 276 -6.32 -3.23 -14.04
CA GLY A 276 -6.85 -3.18 -15.38
C GLY A 276 -7.76 -4.32 -15.73
N ASN A 277 -8.02 -5.22 -14.79
CA ASN A 277 -8.73 -6.44 -15.09
C ASN A 277 -10.18 -6.12 -15.48
N PRO A 278 -10.71 -6.76 -16.52
CA PRO A 278 -12.08 -6.43 -16.96
C PRO A 278 -13.17 -6.79 -15.97
N ASP A 279 -12.89 -7.67 -15.01
CA ASP A 279 -13.88 -8.05 -14.01
C ASP A 279 -13.80 -7.04 -12.86
N PRO A 280 -14.86 -6.28 -12.57
CA PRO A 280 -14.77 -5.27 -11.50
C PRO A 280 -14.44 -5.85 -10.14
N ARG A 281 -14.81 -7.12 -9.89
CA ARG A 281 -14.47 -7.74 -8.62
C ARG A 281 -12.97 -7.97 -8.48
N TRP A 282 -12.26 -8.02 -9.61
CA TRP A 282 -10.81 -8.12 -9.59
C TRP A 282 -10.16 -6.75 -9.44
N ARG A 283 -10.49 -5.80 -10.33
CA ARG A 283 -9.74 -4.54 -10.28
C ARG A 283 -10.05 -3.72 -9.04
N GLU A 284 -11.24 -3.84 -8.46
CA GLU A 284 -11.60 -2.94 -7.37
C GLU A 284 -10.86 -3.24 -6.08
N VAL A 285 -10.18 -4.38 -5.98
CA VAL A 285 -9.42 -4.73 -4.79
C VAL A 285 -7.94 -4.38 -4.93
N ALA A 286 -7.53 -3.86 -6.09
CA ALA A 286 -6.15 -3.48 -6.31
C ALA A 286 -5.84 -2.16 -5.62
N VAL A 287 -4.69 -2.08 -4.95
CA VAL A 287 -4.19 -0.84 -4.37
C VAL A 287 -2.90 -0.50 -5.13
N THR A 288 -2.98 0.47 -6.02
CA THR A 288 -1.93 0.75 -6.98
C THR A 288 -0.93 1.77 -6.41
N PHE A 289 0.26 1.74 -6.96
CA PHE A 289 1.35 2.56 -6.48
C PHE A 289 2.44 2.62 -7.52
N VAL A 290 3.29 3.62 -7.41
CA VAL A 290 4.47 3.76 -8.26
C VAL A 290 5.70 3.21 -7.58
N ASP A 291 5.96 3.64 -6.34
CA ASP A 291 7.02 3.09 -5.53
C ASP A 291 6.59 3.20 -4.07
N ASN A 292 7.24 2.42 -3.22
CA ASN A 292 7.09 2.52 -1.77
C ASN A 292 8.47 2.61 -1.14
N HIS A 293 8.51 2.51 0.20
CA HIS A 293 9.76 2.67 0.94
C HIS A 293 10.75 1.53 0.71
N ASP A 294 10.27 0.39 0.18
CA ASP A 294 11.14 -0.72 -0.18
C ASP A 294 11.58 -0.61 -1.64
N THR A 295 10.63 -0.41 -2.55
CA THR A 295 10.95 -0.44 -3.97
C THR A 295 11.69 0.81 -4.41
N GLY A 296 11.32 1.96 -3.85
CA GLY A 296 11.81 3.23 -4.34
C GLY A 296 13.06 3.71 -3.62
N TYR A 297 13.62 4.78 -4.18
CA TYR A 297 14.60 5.56 -3.45
C TYR A 297 13.93 6.28 -2.28
N SER A 298 14.77 6.79 -1.38
CA SER A 298 14.39 7.73 -0.36
C SER A 298 15.52 8.75 -0.26
N PRO A 299 15.22 9.99 0.16
CA PRO A 299 16.30 10.89 0.58
C PRO A 299 17.18 10.22 1.63
N GLY A 300 18.43 10.64 1.74
CA GLY A 300 19.27 10.21 2.82
C GLY A 300 20.21 9.08 2.48
N GLN A 301 20.62 8.37 3.53
CA GLN A 301 21.71 7.42 3.40
C GLN A 301 21.39 6.35 2.38
N ASN A 302 22.38 6.10 1.51
CA ASN A 302 22.35 5.09 0.46
C ASN A 302 21.21 5.26 -0.54
N GLY A 303 20.55 6.41 -0.54
CA GLY A 303 19.36 6.59 -1.35
C GLY A 303 18.21 5.72 -0.92
N GLY A 304 18.19 5.30 0.33
CA GLY A 304 17.14 4.40 0.78
C GLY A 304 17.42 2.97 0.33
N GLN A 305 16.34 2.21 0.13
CA GLN A 305 16.48 0.80 -0.22
C GLN A 305 16.51 0.54 -1.72
N HIS A 306 15.67 1.23 -2.49
CA HIS A 306 15.62 1.11 -3.95
C HIS A 306 15.75 -0.32 -4.45
N HIS A 307 14.89 -1.20 -3.92
CA HIS A 307 14.91 -2.58 -4.39
C HIS A 307 14.38 -2.73 -5.80
N TRP A 308 13.50 -1.86 -6.25
CA TRP A 308 12.79 -2.07 -7.52
C TRP A 308 12.20 -0.75 -7.98
N ALA A 309 13.05 0.25 -8.17
CA ALA A 309 12.59 1.61 -8.33
C ALA A 309 12.22 1.91 -9.78
N LEU A 310 11.15 2.69 -9.96
CA LEU A 310 10.79 3.11 -11.30
C LEU A 310 11.67 4.26 -11.75
N GLN A 311 12.27 4.11 -12.93
CA GLN A 311 13.16 5.11 -13.47
C GLN A 311 12.42 6.41 -13.71
N ASP A 312 13.17 7.52 -13.65
CA ASP A 312 12.55 8.83 -13.63
C ASP A 312 11.86 9.21 -14.93
N GLY A 313 12.18 8.56 -16.03
CA GLY A 313 11.49 8.80 -17.27
C GLY A 313 10.10 8.23 -17.36
N LEU A 314 9.66 7.49 -16.35
CA LEU A 314 8.31 6.92 -16.33
C LEU A 314 7.49 7.35 -15.12
N ILE A 315 8.03 8.19 -14.22
CA ILE A 315 7.31 8.54 -12.99
C ILE A 315 6.02 9.28 -13.30
N ARG A 316 6.08 10.30 -14.16
CA ARG A 316 4.87 11.06 -14.46
C ARG A 316 3.82 10.17 -15.14
N GLN A 317 4.25 9.35 -16.10
CA GLN A 317 3.36 8.43 -16.76
C GLN A 317 2.70 7.48 -15.76
N ALA A 318 3.49 6.94 -14.83
CA ALA A 318 2.95 5.99 -13.86
C ALA A 318 1.93 6.65 -12.93
N TYR A 319 2.21 7.86 -12.45
CA TYR A 319 1.22 8.57 -11.64
C TYR A 319 -0.02 8.92 -12.44
N ALA A 320 0.13 9.33 -13.70
CA ALA A 320 -1.04 9.59 -14.51
C ALA A 320 -1.87 8.33 -14.67
N TYR A 321 -1.21 7.17 -14.86
CA TYR A 321 -1.95 5.93 -14.98
C TYR A 321 -2.72 5.61 -13.70
N ILE A 322 -2.03 5.55 -12.56
CA ILE A 322 -2.72 5.11 -11.35
C ILE A 322 -3.77 6.11 -10.91
N LEU A 323 -3.55 7.40 -11.11
CA LEU A 323 -4.50 8.38 -10.61
C LEU A 323 -5.72 8.52 -11.52
N THR A 324 -5.65 8.10 -12.79
CA THR A 324 -6.82 8.13 -13.66
C THR A 324 -7.57 6.81 -13.73
N SER A 325 -7.03 5.74 -13.15
CA SER A 325 -7.56 4.40 -13.40
C SER A 325 -8.20 3.76 -12.17
N PRO A 326 -8.89 2.67 -12.42
CA PRO A 326 -9.50 1.90 -11.32
C PRO A 326 -8.42 1.32 -10.41
N GLY A 327 -8.88 0.59 -9.38
CA GLY A 327 -8.07 0.31 -8.20
C GLY A 327 -8.04 1.61 -7.34
N THR A 328 -7.35 1.51 -6.19
CA THR A 328 -7.20 2.59 -5.22
C THR A 328 -5.76 3.04 -5.24
N PRO A 329 -5.47 4.30 -5.58
CA PRO A 329 -4.06 4.70 -5.75
C PRO A 329 -3.43 5.20 -4.47
N VAL A 330 -2.11 4.97 -4.40
CA VAL A 330 -1.26 5.41 -3.32
C VAL A 330 -0.12 6.25 -3.90
N VAL A 331 0.09 7.43 -3.34
CA VAL A 331 1.17 8.33 -3.72
C VAL A 331 2.31 8.23 -2.70
N TYR A 332 3.53 8.07 -3.19
CA TYR A 332 4.69 7.95 -2.32
C TYR A 332 5.13 9.32 -1.83
N TRP A 333 5.33 9.43 -0.51
CA TRP A 333 5.76 10.68 0.11
C TRP A 333 6.80 11.42 -0.72
N SER A 334 7.88 10.75 -1.09
CA SER A 334 9.00 11.48 -1.65
C SER A 334 8.70 12.02 -3.04
N HIS A 335 7.91 11.32 -3.85
CA HIS A 335 7.50 11.91 -5.12
C HIS A 335 6.71 13.19 -4.88
N MET A 336 5.83 13.19 -3.87
CA MET A 336 4.89 14.26 -3.64
C MET A 336 5.54 15.48 -3.00
N TYR A 337 6.42 15.26 -2.02
CA TYR A 337 6.88 16.31 -1.12
C TYR A 337 8.39 16.51 -1.09
N ASP A 338 9.19 15.61 -1.65
CA ASP A 338 10.63 15.81 -1.76
C ASP A 338 11.09 16.17 -3.15
N TRP A 339 10.57 15.48 -4.18
CA TRP A 339 11.21 15.45 -5.48
C TRP A 339 10.45 16.25 -6.53
N GLY A 340 9.40 16.98 -6.16
CA GLY A 340 8.85 18.00 -7.04
C GLY A 340 7.73 17.57 -7.95
N TYR A 341 7.16 16.39 -7.76
CA TYR A 341 6.03 15.93 -8.55
C TYR A 341 4.69 16.37 -7.96
N GLY A 342 4.70 17.16 -6.89
CA GLY A 342 3.47 17.48 -6.18
C GLY A 342 2.44 18.20 -7.03
N ASP A 343 2.86 19.22 -7.79
CA ASP A 343 1.88 19.98 -8.56
C ASP A 343 1.23 19.09 -9.61
N PHE A 344 2.02 18.24 -10.27
CA PHE A 344 1.50 17.31 -11.25
C PHE A 344 0.53 16.34 -10.60
N ILE A 345 0.91 15.79 -9.44
CA ILE A 345 0.04 14.85 -8.75
C ILE A 345 -1.24 15.53 -8.25
N ARG A 346 -1.12 16.75 -7.71
CA ARG A 346 -2.31 17.50 -7.29
C ARG A 346 -3.30 17.62 -8.44
N GLN A 347 -2.79 17.97 -9.63
CA GLN A 347 -3.66 18.14 -10.79
C GLN A 347 -4.36 16.84 -11.14
N LEU A 348 -3.62 15.72 -11.12
CA LEU A 348 -4.22 14.43 -11.43
C LEU A 348 -5.25 14.02 -10.38
N ILE A 349 -4.99 14.28 -9.09
CA ILE A 349 -5.98 13.98 -8.07
C ILE A 349 -7.28 14.73 -8.35
N GLN A 350 -7.17 16.01 -8.72
CA GLN A 350 -8.38 16.77 -9.02
C GLN A 350 -9.10 16.21 -10.24
N VAL A 351 -8.36 15.76 -11.25
CA VAL A 351 -8.98 15.13 -12.42
C VAL A 351 -9.76 13.89 -11.98
N ARG A 352 -9.14 13.06 -11.16
CA ARG A 352 -9.79 11.84 -10.68
C ARG A 352 -11.09 12.17 -9.95
N ARG A 353 -11.02 13.12 -9.03
CA ARG A 353 -12.19 13.46 -8.23
C ARG A 353 -13.28 14.08 -9.10
N THR A 354 -12.92 15.02 -9.96
CA THR A 354 -13.92 15.68 -10.81
C THR A 354 -14.61 14.69 -11.74
N ALA A 355 -13.88 13.70 -12.24
CA ALA A 355 -14.47 12.71 -13.12
C ALA A 355 -15.28 11.66 -12.36
N GLY A 356 -15.06 11.53 -11.07
CA GLY A 356 -15.73 10.50 -10.30
C GLY A 356 -15.20 9.11 -10.53
N VAL A 357 -13.88 8.98 -10.74
CA VAL A 357 -13.28 7.67 -10.89
C VAL A 357 -13.14 7.02 -9.53
N ARG A 358 -13.47 5.73 -9.47
CA ARG A 358 -13.43 4.94 -8.25
C ARG A 358 -12.77 3.61 -8.58
N ALA A 359 -12.57 2.79 -7.54
CA ALA A 359 -11.79 1.57 -7.69
C ALA A 359 -12.42 0.59 -8.67
N ASP A 360 -13.74 0.65 -8.85
CA ASP A 360 -14.45 -0.25 -9.76
C ASP A 360 -14.82 0.39 -11.10
N SER A 361 -14.37 1.60 -11.38
CA SER A 361 -14.71 2.23 -12.66
C SER A 361 -14.23 1.36 -13.81
N ALA A 362 -15.00 1.34 -14.89
CA ALA A 362 -14.60 0.59 -16.08
C ALA A 362 -13.39 1.25 -16.75
N ILE A 363 -12.53 0.41 -17.31
CA ILE A 363 -11.40 0.87 -18.10
C ILE A 363 -11.30 -0.02 -19.33
N SER A 364 -11.19 0.60 -20.49
CA SER A 364 -11.03 -0.10 -21.75
C SER A 364 -9.73 0.34 -22.39
N PHE A 365 -8.99 -0.60 -22.94
CA PHE A 365 -7.72 -0.32 -23.59
C PHE A 365 -7.89 -0.40 -25.10
N HIS A 366 -7.24 0.50 -25.81
CA HIS A 366 -7.45 0.67 -27.24
C HIS A 366 -6.23 0.23 -28.01
N SER A 367 -6.46 -0.55 -29.05
CA SER A 367 -5.42 -1.02 -29.93
C SER A 367 -5.16 0.00 -31.03
N GLY A 368 -4.04 -0.19 -31.71
CA GLY A 368 -3.72 0.60 -32.89
C GLY A 368 -2.80 1.78 -32.67
N TYR A 369 -2.32 1.97 -31.44
CA TYR A 369 -1.45 3.08 -31.10
C TYR A 369 -0.27 2.55 -30.30
N SER A 370 0.78 3.35 -30.26
CA SER A 370 1.91 3.06 -29.38
C SER A 370 1.55 3.43 -27.95
N GLY A 371 2.35 2.93 -27.01
CA GLY A 371 2.12 3.22 -25.61
C GLY A 371 0.82 2.63 -25.10
N LEU A 372 0.20 3.35 -24.17
CA LEU A 372 -1.04 2.91 -23.56
C LEU A 372 -2.11 3.96 -23.82
N VAL A 373 -3.26 3.52 -24.33
CA VAL A 373 -4.40 4.37 -24.56
C VAL A 373 -5.61 3.73 -23.90
N ALA A 374 -6.22 4.44 -22.96
CA ALA A 374 -7.32 3.90 -22.19
C ALA A 374 -8.46 4.90 -22.15
N THR A 375 -9.67 4.37 -22.06
CA THR A 375 -10.85 5.15 -21.70
C THR A 375 -11.35 4.66 -20.35
N VAL A 376 -11.58 5.59 -19.44
CA VAL A 376 -12.02 5.28 -18.07
C VAL A 376 -13.37 5.93 -17.85
N SER A 377 -14.31 5.13 -17.36
CA SER A 377 -15.67 5.62 -17.13
C SER A 377 -15.87 6.02 -15.67
N GLY A 378 -15.65 7.28 -15.35
CA GLY A 378 -16.02 7.81 -14.07
C GLY A 378 -17.51 8.03 -13.96
N SER A 379 -17.98 8.27 -12.73
CA SER A 379 -19.40 8.50 -12.52
C SER A 379 -19.85 9.82 -13.14
N GLN A 380 -18.95 10.78 -13.27
CA GLN A 380 -19.28 12.11 -13.80
C GLN A 380 -18.74 12.37 -15.19
N GLN A 381 -17.55 11.86 -15.51
CA GLN A 381 -16.92 12.08 -16.79
C GLN A 381 -16.22 10.82 -17.26
N THR A 382 -16.10 10.72 -18.58
CA THR A 382 -15.20 9.76 -19.21
C THR A 382 -13.85 10.43 -19.44
N LEU A 383 -12.80 9.69 -19.11
CA LEU A 383 -11.44 10.14 -19.37
C LEU A 383 -10.85 9.34 -20.53
N VAL A 384 -10.06 10.02 -21.36
CA VAL A 384 -9.18 9.37 -22.32
C VAL A 384 -7.77 9.67 -21.85
N VAL A 385 -6.96 8.62 -21.73
CA VAL A 385 -5.61 8.70 -21.19
C VAL A 385 -4.66 8.12 -22.22
N ALA A 386 -3.62 8.88 -22.58
CA ALA A 386 -2.65 8.44 -23.57
C ALA A 386 -1.25 8.66 -23.02
N LEU A 387 -0.53 7.56 -22.82
CA LEU A 387 0.78 7.56 -22.19
C LEU A 387 1.81 7.03 -23.19
N ASN A 388 2.84 7.85 -23.43
CA ASN A 388 3.91 7.50 -24.38
C ASN A 388 3.34 7.03 -25.71
N SER A 389 2.32 7.73 -26.21
CA SER A 389 1.53 7.24 -27.33
C SER A 389 1.57 8.20 -28.51
N ASP A 390 1.40 7.61 -29.69
CA ASP A 390 1.22 8.37 -30.93
C ASP A 390 -0.24 8.73 -31.19
N LEU A 391 -1.15 8.45 -30.27
CA LEU A 391 -2.51 8.95 -30.40
C LEU A 391 -2.47 10.45 -30.62
N ALA A 392 -3.29 10.93 -31.56
CA ALA A 392 -3.32 12.36 -31.84
C ALA A 392 -4.39 13.08 -31.03
N ASN A 393 -5.58 12.52 -30.88
CA ASN A 393 -6.66 13.22 -30.20
C ASN A 393 -7.69 12.21 -29.70
N PRO A 394 -8.53 12.59 -28.75
CA PRO A 394 -9.43 11.61 -28.12
C PRO A 394 -10.53 11.12 -29.06
N GLY A 395 -10.93 11.91 -30.04
CA GLY A 395 -11.94 11.46 -30.97
C GLY A 395 -11.54 10.28 -31.83
N GLN A 396 -10.24 9.98 -31.89
CA GLN A 396 -9.83 8.77 -32.60
C GLN A 396 -10.29 7.51 -31.87
N VAL A 397 -10.51 7.61 -30.55
CA VAL A 397 -10.78 6.43 -29.74
C VAL A 397 -12.05 6.48 -28.91
N ALA A 398 -12.71 7.63 -28.80
CA ALA A 398 -13.90 7.71 -27.97
C ALA A 398 -14.95 8.63 -28.59
N SER A 399 -16.22 8.24 -28.41
CA SER A 399 -17.34 9.12 -28.74
C SER A 399 -17.52 10.19 -27.68
N GLY A 400 -17.98 11.36 -28.11
CA GLY A 400 -18.31 12.45 -27.21
C GLY A 400 -17.45 13.67 -27.43
N SER A 401 -17.74 14.70 -26.64
CA SER A 401 -17.00 15.96 -26.66
C SER A 401 -16.00 15.98 -25.50
N PHE A 402 -14.74 16.23 -25.81
CA PHE A 402 -13.67 16.17 -24.84
C PHE A 402 -12.91 17.48 -24.79
N SER A 403 -12.35 17.77 -23.61
CA SER A 403 -11.40 18.85 -23.46
C SER A 403 -10.15 18.33 -22.77
N GLU A 404 -9.04 19.04 -22.98
CA GLU A 404 -7.78 18.63 -22.40
C GLU A 404 -7.78 18.89 -20.91
N ALA A 405 -7.34 17.91 -20.13
CA ALA A 405 -7.19 18.03 -18.69
C ALA A 405 -5.75 18.04 -18.24
N VAL A 406 -4.89 17.26 -18.89
CA VAL A 406 -3.48 17.16 -18.57
C VAL A 406 -2.70 17.06 -19.87
N ASN A 407 -1.59 17.79 -19.96
CA ASN A 407 -0.67 17.64 -21.09
C ASN A 407 0.71 17.93 -20.54
N ALA A 408 1.52 16.89 -20.35
CA ALA A 408 2.84 17.01 -19.74
C ALA A 408 3.85 16.14 -20.48
N SER A 409 5.14 16.43 -20.22
CA SER A 409 6.27 15.67 -20.78
C SER A 409 6.20 15.57 -22.30
N ASN A 410 6.09 16.73 -22.95
CA ASN A 410 6.01 16.84 -24.40
C ASN A 410 4.94 15.91 -24.97
N GLY A 411 3.80 15.86 -24.29
CA GLY A 411 2.69 15.05 -24.72
C GLY A 411 2.76 13.59 -24.35
N GLN A 412 3.84 13.15 -23.68
CA GLN A 412 3.90 11.77 -23.25
C GLN A 412 2.87 11.45 -22.17
N VAL A 413 2.33 12.46 -21.50
CA VAL A 413 1.18 12.29 -20.62
C VAL A 413 0.08 13.22 -21.11
N ARG A 414 -1.00 12.64 -21.63
CA ARG A 414 -2.17 13.42 -21.99
C ARG A 414 -3.42 12.77 -21.43
N VAL A 415 -4.28 13.60 -20.86
CA VAL A 415 -5.59 13.18 -20.37
C VAL A 415 -6.61 14.17 -20.88
N TRP A 416 -7.70 13.66 -21.41
CA TRP A 416 -8.84 14.47 -21.81
C TRP A 416 -10.08 13.99 -21.05
N ARG A 417 -11.04 14.88 -20.87
CA ARG A 417 -12.25 14.56 -20.12
C ARG A 417 -13.47 15.01 -20.90
N SER A 418 -14.54 14.23 -20.77
CA SER A 418 -15.78 14.54 -21.46
C SER A 418 -16.48 15.75 -20.85
#